data_1ZSW
#
_entry.id   1ZSW
#
_cell.length_a   72.509
_cell.length_b   61.152
_cell.length_c   96.423
_cell.angle_alpha   90.00
_cell.angle_beta   110.91
_cell.angle_gamma   90.00
#
_symmetry.space_group_name_H-M   'C 1 2 1'
#
loop_
_entity.id
_entity.type
_entity.pdbx_description
1 polymer 'Glyoxalase family protein'
2 non-polymer 'ZINC ION'
3 non-polymer BETA-MERCAPTOETHANOL
4 water water
#
_entity_poly.entity_id   1
_entity_poly.type   'polypeptide(L)'
_entity_poly.pdbx_seq_one_letter_code
;MHHHHHHSSGVDLGTENLYFQSNAMYEIKGHHHISMVTKNANENNHFYKNVLGLRRVKMTVNQDDPSMYHLFYGDKTGSP
GTELSFFEIPLVGRTYRGTNAITRIGLLVPSEDSLHYWKERFEKFDVKHSEMTTYANRPALQFEDAEGLRLVLLVSNGEK
VEHWETWEKSEVPAKHQIQGMGSVELTVRRLDKMASTLTEIFGYTEVSRNDQEAIFQSIKGEAFGEIVVKYLDGPTEKPG
RGSIHHLAIRVKNDAELAYWEEQVKQRGFHSSGIIDRFYFKSLYFRESNGILFEIATDGPGFTVDGDVEHLGEKLDLPPF
LEDQRAEIEANLAPIEEK
;
_entity_poly.pdbx_strand_id   A
#
# COMPACT_ATOMS: atom_id res chain seq x y z
N VAL A 11 -29.57 -4.01 -37.99
CA VAL A 11 -29.63 -5.07 -36.95
C VAL A 11 -28.53 -4.84 -35.90
N ASP A 12 -28.88 -5.03 -34.62
CA ASP A 12 -27.92 -4.99 -33.54
C ASP A 12 -27.11 -6.28 -33.47
N LEU A 13 -25.88 -6.22 -33.98
CA LEU A 13 -25.04 -7.40 -34.16
C LEU A 13 -23.92 -7.53 -33.14
N GLY A 14 -23.65 -6.45 -32.42
CA GLY A 14 -22.51 -6.39 -31.51
C GLY A 14 -22.85 -6.63 -30.05
N THR A 15 -22.30 -5.77 -29.19
CA THR A 15 -22.37 -5.91 -27.73
C THR A 15 -23.34 -4.91 -27.11
N GLU A 16 -24.27 -4.40 -27.92
CA GLU A 16 -25.23 -3.40 -27.47
C GLU A 16 -25.98 -3.84 -26.21
N ASN A 17 -26.49 -5.07 -26.21
CA ASN A 17 -27.37 -5.52 -25.14
C ASN A 17 -26.67 -6.26 -24.00
N LEU A 18 -25.35 -6.28 -23.99
CA LEU A 18 -24.66 -7.07 -22.95
C LEU A 18 -24.59 -6.34 -21.62
N TYR A 19 -24.67 -7.12 -20.53
CA TYR A 19 -24.58 -6.61 -19.16
C TYR A 19 -23.13 -6.51 -18.68
N PHE A 20 -22.75 -5.30 -18.23
CA PHE A 20 -21.50 -5.05 -17.48
C PHE A 20 -21.89 -4.45 -16.11
N GLN A 21 -21.09 -4.68 -15.07
CA GLN A 21 -21.40 -4.15 -13.72
C GLN A 21 -21.11 -2.67 -13.54
N SER A 22 -20.11 -2.17 -14.26
CA SER A 22 -19.78 -0.76 -14.21
C SER A 22 -19.44 -0.34 -15.61
N ASN A 23 -19.35 0.96 -15.79
CA ASN A 23 -18.89 1.52 -17.03
C ASN A 23 -17.38 1.49 -17.13
N ALA A 24 -16.69 0.90 -16.16
CA ALA A 24 -15.21 0.90 -16.20
C ALA A 24 -14.67 0.24 -17.46
N MET A 25 -13.77 0.93 -18.15
N MET A 25 -13.77 0.92 -18.16
CA MET A 25 -13.21 0.47 -19.42
CA MET A 25 -13.26 0.39 -19.42
C MET A 25 -12.07 -0.55 -19.21
C MET A 25 -11.95 -0.41 -19.28
N TYR A 26 -11.42 -0.47 -18.05
CA TYR A 26 -10.23 -1.28 -17.77
C TYR A 26 -10.32 -1.88 -16.40
N GLU A 27 -9.67 -3.03 -16.22
N GLU A 27 -9.65 -3.01 -16.22
CA GLU A 27 -9.58 -3.67 -14.90
CA GLU A 27 -9.54 -3.68 -14.92
C GLU A 27 -8.53 -2.93 -14.08
C GLU A 27 -8.46 -3.00 -14.09
N ILE A 28 -8.60 -3.07 -12.78
CA ILE A 28 -7.56 -2.61 -11.86
C ILE A 28 -6.99 -3.86 -11.23
N LYS A 29 -5.72 -4.16 -11.48
CA LYS A 29 -5.15 -5.42 -11.02
C LYS A 29 -4.98 -5.58 -9.53
N GLY A 30 -4.86 -4.47 -8.82
CA GLY A 30 -4.55 -4.56 -7.39
C GLY A 30 -3.93 -3.27 -6.87
N HIS A 31 -3.59 -3.31 -5.60
CA HIS A 31 -2.82 -2.21 -5.00
C HIS A 31 -1.45 -2.10 -5.64
N HIS A 32 -0.96 -0.85 -5.69
CA HIS A 32 0.40 -0.56 -6.21
C HIS A 32 1.40 -0.39 -5.07
N HIS A 33 1.09 0.51 -4.15
CA HIS A 33 1.92 0.71 -2.96
C HIS A 33 1.11 1.44 -1.95
N ILE A 34 1.67 1.57 -0.75
CA ILE A 34 1.00 2.34 0.30
C ILE A 34 2.09 3.10 1.03
N SER A 35 1.80 4.36 1.36
CA SER A 35 2.83 5.27 1.90
C SER A 35 2.42 5.83 3.25
N MET A 36 3.41 5.94 4.15
CA MET A 36 3.21 6.22 5.59
C MET A 36 4.22 7.25 6.06
N VAL A 37 4.02 7.75 7.26
CA VAL A 37 4.94 8.67 7.92
C VAL A 37 5.58 7.98 9.10
N THR A 38 6.92 8.09 9.18
CA THR A 38 7.73 7.61 10.32
C THR A 38 8.48 8.78 10.94
N LYS A 39 8.72 8.69 12.25
CA LYS A 39 9.51 9.71 12.92
C LYS A 39 11.01 9.40 12.87
N ASN A 40 11.36 8.13 12.67
CA ASN A 40 12.76 7.69 12.85
C ASN A 40 13.13 6.62 11.86
N ALA A 41 13.93 6.97 10.86
CA ALA A 41 14.33 6.04 9.81
C ALA A 41 15.13 4.85 10.33
N ASN A 42 16.02 5.06 11.31
CA ASN A 42 16.79 3.94 11.86
C ASN A 42 15.88 2.83 12.42
N GLU A 43 14.88 3.23 13.20
N GLU A 43 14.92 3.23 13.25
CA GLU A 43 13.96 2.26 13.82
CA GLU A 43 13.95 2.30 13.81
C GLU A 43 13.01 1.67 12.78
C GLU A 43 13.15 1.66 12.68
N ASN A 44 12.64 2.50 11.81
CA ASN A 44 11.76 2.07 10.73
C ASN A 44 12.43 1.02 9.86
N ASN A 45 13.69 1.30 9.49
CA ASN A 45 14.50 0.35 8.75
C ASN A 45 14.68 -0.97 9.50
N HIS A 46 14.94 -0.90 10.81
CA HIS A 46 15.12 -2.11 11.55
C HIS A 46 13.83 -2.94 11.50
N PHE A 47 12.68 -2.30 11.69
CA PHE A 47 11.45 -3.07 11.73
C PHE A 47 11.07 -3.71 10.41
N TYR A 48 11.10 -2.90 9.32
CA TYR A 48 10.57 -3.42 8.04
C TYR A 48 11.54 -4.35 7.33
N LYS A 49 12.83 -4.12 7.52
CA LYS A 49 13.84 -4.96 6.89
C LYS A 49 14.25 -6.10 7.81
N ASN A 50 14.71 -5.78 9.02
CA ASN A 50 15.22 -6.86 9.88
C ASN A 50 14.15 -7.73 10.51
N VAL A 51 13.06 -7.13 10.99
CA VAL A 51 12.03 -7.92 11.68
C VAL A 51 11.08 -8.52 10.67
N LEU A 52 10.54 -7.70 9.77
CA LEU A 52 9.60 -8.21 8.78
C LEU A 52 10.22 -8.90 7.55
N GLY A 53 11.54 -8.71 7.40
CA GLY A 53 12.27 -9.42 6.37
C GLY A 53 12.14 -8.89 4.96
N LEU A 54 11.55 -7.70 4.80
CA LEU A 54 11.32 -7.13 3.47
C LEU A 54 12.65 -6.57 2.97
N ARG A 55 12.77 -6.46 1.64
CA ARG A 55 13.96 -5.79 1.09
C ARG A 55 13.80 -4.28 1.11
N ARG A 56 14.84 -3.55 1.50
CA ARG A 56 14.80 -2.09 1.30
C ARG A 56 15.15 -1.87 -0.15
N VAL A 57 14.14 -1.57 -0.96
CA VAL A 57 14.32 -1.54 -2.41
C VAL A 57 14.74 -0.16 -2.90
N LYS A 58 14.53 0.87 -2.09
CA LYS A 58 14.95 2.21 -2.47
C LYS A 58 15.11 3.11 -1.27
N MET A 59 16.25 3.77 -1.22
CA MET A 59 16.54 4.74 -0.20
C MET A 59 16.70 6.04 -0.98
N THR A 60 15.72 6.92 -0.84
CA THR A 60 15.73 8.20 -1.61
C THR A 60 15.20 9.33 -0.74
N VAL A 61 14.76 10.42 -1.40
CA VAL A 61 14.18 11.58 -0.72
C VAL A 61 12.83 11.89 -1.33
N ASN A 62 11.99 12.58 -0.56
CA ASN A 62 10.68 13.04 -1.01
C ASN A 62 10.93 13.98 -2.18
N GLN A 63 10.38 13.63 -3.35
CA GLN A 63 10.67 14.39 -4.57
C GLN A 63 10.12 15.82 -4.45
N ASP A 64 9.10 15.99 -3.61
CA ASP A 64 8.48 17.29 -3.36
C ASP A 64 9.18 18.05 -2.21
N ASP A 65 10.13 17.38 -1.54
CA ASP A 65 10.90 17.96 -0.42
C ASP A 65 12.18 17.14 -0.16
N PRO A 66 13.24 17.42 -0.92
CA PRO A 66 14.53 16.71 -0.84
C PRO A 66 15.23 16.67 0.52
N SER A 67 14.66 17.31 1.55
CA SER A 67 15.27 17.27 2.90
C SER A 67 14.78 16.06 3.73
N MET A 68 13.80 15.34 3.18
CA MET A 68 13.12 14.29 3.89
C MET A 68 13.44 12.94 3.26
N TYR A 69 13.88 11.95 4.06
CA TYR A 69 14.05 10.58 3.54
C TYR A 69 12.71 10.02 3.09
N HIS A 70 12.77 9.22 2.04
CA HIS A 70 11.66 8.42 1.56
C HIS A 70 12.23 7.01 1.36
N LEU A 71 11.80 6.05 2.18
CA LEU A 71 12.31 4.70 2.14
C LEU A 71 11.25 3.70 1.64
N PHE A 72 11.58 2.87 0.64
N PHE A 72 11.70 2.73 0.86
CA PHE A 72 10.63 1.85 0.16
CA PHE A 72 10.82 1.84 0.14
C PHE A 72 11.16 0.50 0.59
C PHE A 72 11.15 0.39 0.41
N TYR A 73 10.21 -0.35 0.98
CA TYR A 73 10.42 -1.79 1.26
C TYR A 73 9.48 -2.61 0.38
N GLY A 74 9.90 -3.81 0.02
CA GLY A 74 9.04 -4.68 -0.75
C GLY A 74 9.72 -5.99 -1.02
N ASP A 75 9.39 -6.56 -2.17
CA ASP A 75 9.93 -7.86 -2.56
C ASP A 75 11.30 -7.66 -3.24
N LYS A 76 11.77 -8.70 -3.92
CA LYS A 76 13.12 -8.65 -4.52
C LYS A 76 13.36 -7.38 -5.35
N THR A 77 12.37 -6.96 -6.13
CA THR A 77 12.51 -5.78 -7.00
C THR A 77 11.61 -4.60 -6.60
N GLY A 78 10.90 -4.75 -5.49
CA GLY A 78 9.98 -3.69 -5.12
C GLY A 78 8.82 -3.64 -6.09
N SER A 79 8.35 -4.79 -6.52
CA SER A 79 7.33 -4.83 -7.59
C SER A 79 5.98 -4.25 -7.12
N PRO A 80 5.17 -3.72 -8.04
CA PRO A 80 3.85 -3.21 -7.68
C PRO A 80 3.07 -4.22 -6.87
N GLY A 81 2.46 -3.73 -5.80
CA GLY A 81 1.75 -4.66 -4.93
C GLY A 81 2.53 -5.06 -3.67
N THR A 82 3.83 -4.79 -3.64
CA THR A 82 4.64 -5.23 -2.51
C THR A 82 5.22 -4.06 -1.72
N GLU A 83 5.04 -2.85 -2.24
N GLU A 83 5.08 -2.84 -2.26
CA GLU A 83 5.77 -1.69 -1.80
CA GLU A 83 5.79 -1.65 -1.77
C GLU A 83 5.09 -0.99 -0.62
C GLU A 83 5.11 -0.94 -0.62
N LEU A 84 5.80 -0.91 0.52
CA LEU A 84 5.43 -0.04 1.64
CA LEU A 84 5.48 -0.09 1.68
C LEU A 84 6.48 1.04 1.69
N SER A 85 6.06 2.29 1.65
CA SER A 85 7.05 3.36 1.71
C SER A 85 6.77 4.29 2.88
N PHE A 86 7.83 4.93 3.38
CA PHE A 86 7.74 5.79 4.55
C PHE A 86 8.52 7.06 4.33
N PHE A 87 7.92 8.19 4.69
CA PHE A 87 8.59 9.51 4.70
C PHE A 87 9.04 9.68 6.13
N GLU A 88 10.32 9.98 6.32
CA GLU A 88 10.81 10.23 7.68
C GLU A 88 10.65 11.70 7.99
N ILE A 89 9.92 12.01 9.06
CA ILE A 89 9.69 13.40 9.45
C ILE A 89 10.06 13.46 10.92
N PRO A 90 11.35 13.73 11.23
CA PRO A 90 11.87 13.64 12.60
C PRO A 90 11.12 14.37 13.72
N LEU A 91 10.47 15.50 13.41
CA LEU A 91 9.74 16.25 14.46
C LEU A 91 8.25 15.99 14.50
N VAL A 92 7.79 15.04 13.71
CA VAL A 92 6.37 14.71 13.72
C VAL A 92 5.88 14.23 15.08
N GLY A 93 4.61 14.54 15.39
CA GLY A 93 3.96 14.07 16.62
C GLY A 93 3.27 12.71 16.49
N ARG A 94 2.52 12.33 17.51
CA ARG A 94 1.83 11.05 17.50
C ARG A 94 0.62 11.19 16.58
N THR A 95 0.13 10.04 16.12
CA THR A 95 -1.19 9.95 15.50
C THR A 95 -2.26 9.85 16.57
N TYR A 96 -3.28 10.68 16.43
CA TYR A 96 -4.51 10.50 17.20
C TYR A 96 -5.48 9.74 16.31
N ARG A 97 -5.78 8.50 16.68
CA ARG A 97 -6.69 7.66 15.90
C ARG A 97 -8.08 8.25 15.74
N GLY A 98 -8.72 7.92 14.64
CA GLY A 98 -10.09 8.34 14.42
C GLY A 98 -10.56 7.88 13.05
N THR A 99 -11.54 8.59 12.51
CA THR A 99 -12.17 8.18 11.26
C THR A 99 -11.62 9.00 10.09
N ASN A 100 -12.18 8.76 8.90
CA ASN A 100 -11.68 9.34 7.65
C ASN A 100 -10.19 9.20 7.47
N ALA A 101 -9.76 7.96 7.53
CA ALA A 101 -8.33 7.64 7.42
C ALA A 101 -8.16 6.22 6.89
N ILE A 102 -7.06 5.97 6.20
CA ILE A 102 -6.63 4.60 5.87
C ILE A 102 -6.05 4.06 7.16
N THR A 103 -6.54 2.88 7.62
CA THR A 103 -6.26 2.47 9.00
C THR A 103 -5.55 1.13 9.20
N ARG A 104 -5.43 0.27 8.18
CA ARG A 104 -4.75 -1.04 8.38
CA ARG A 104 -4.71 -1.00 8.39
C ARG A 104 -4.19 -1.54 7.08
N ILE A 105 -2.96 -2.10 7.16
CA ILE A 105 -2.32 -2.70 5.99
C ILE A 105 -2.31 -4.21 6.13
N GLY A 106 -3.00 -4.89 5.21
CA GLY A 106 -2.98 -6.35 5.14
C GLY A 106 -1.79 -6.82 4.32
N LEU A 107 -1.10 -7.86 4.81
CA LEU A 107 0.10 -8.40 4.12
C LEU A 107 -0.10 -9.91 3.97
N LEU A 108 0.01 -10.42 2.76
CA LEU A 108 -0.25 -11.86 2.51
C LEU A 108 0.98 -12.69 2.91
N VAL A 109 0.71 -13.82 3.59
CA VAL A 109 1.72 -14.85 3.85
C VAL A 109 1.18 -16.17 3.35
N PRO A 110 2.07 -17.11 2.96
CA PRO A 110 1.56 -18.28 2.25
C PRO A 110 0.61 -19.23 2.99
N SER A 111 0.83 -19.48 4.27
CA SER A 111 0.06 -20.54 4.94
C SER A 111 -0.23 -20.29 6.41
N GLU A 112 -1.18 -21.05 6.98
N GLU A 112 -0.99 -21.20 7.02
CA GLU A 112 -1.50 -20.88 8.40
CA GLU A 112 -1.09 -21.25 8.47
C GLU A 112 -0.24 -21.18 9.23
C GLU A 112 0.27 -21.46 9.16
N ASP A 113 0.61 -22.07 8.69
N ASP A 113 1.10 -22.38 8.66
CA ASP A 113 1.92 -22.37 9.25
CA ASP A 113 2.42 -22.55 9.24
C ASP A 113 2.80 -21.11 9.36
C ASP A 113 3.15 -21.20 9.26
N SER A 114 2.87 -20.32 8.28
CA SER A 114 3.53 -19.01 8.29
C SER A 114 3.00 -18.13 9.41
N LEU A 115 1.69 -18.15 9.66
CA LEU A 115 1.19 -17.42 10.84
C LEU A 115 1.85 -17.85 12.16
N HIS A 116 2.09 -19.15 12.29
CA HIS A 116 2.74 -19.65 13.50
C HIS A 116 4.20 -19.22 13.57
N TYR A 117 4.87 -19.26 12.41
CA TYR A 117 6.22 -18.73 12.30
C TYR A 117 6.27 -17.26 12.75
N TRP A 118 5.35 -16.46 12.23
CA TRP A 118 5.26 -15.05 12.57
C TRP A 118 4.92 -14.73 14.01
N LYS A 119 4.00 -15.50 14.59
CA LYS A 119 3.70 -15.35 16.01
C LYS A 119 4.96 -15.53 16.85
N GLU A 120 5.72 -16.60 16.60
N GLU A 120 5.70 -16.60 16.56
CA GLU A 120 6.97 -16.78 17.37
CA GLU A 120 6.96 -16.88 17.25
C GLU A 120 7.97 -15.64 17.14
C GLU A 120 7.97 -15.73 17.11
N ARG A 121 8.11 -15.22 15.89
CA ARG A 121 9.03 -14.13 15.57
C ARG A 121 8.65 -12.81 16.26
N PHE A 122 7.35 -12.52 16.30
CA PHE A 122 6.86 -11.33 16.98
C PHE A 122 7.13 -11.41 18.48
N GLU A 123 7.00 -12.60 19.06
N GLU A 123 7.01 -12.59 19.06
CA GLU A 123 7.31 -12.80 20.48
CA GLU A 123 7.31 -12.76 20.49
C GLU A 123 8.79 -12.47 20.69
C GLU A 123 8.79 -12.58 20.78
N LYS A 124 9.63 -13.07 19.87
CA LYS A 124 11.07 -12.88 19.94
C LYS A 124 11.50 -11.41 19.84
N PHE A 125 10.86 -10.66 18.95
CA PHE A 125 11.22 -9.29 18.74
C PHE A 125 10.39 -8.26 19.49
N ASP A 126 9.54 -8.74 20.41
CA ASP A 126 8.68 -7.88 21.21
C ASP A 126 7.78 -6.96 20.39
N VAL A 127 7.28 -7.52 19.30
CA VAL A 127 6.31 -6.83 18.47
C VAL A 127 4.93 -7.03 19.05
N LYS A 128 4.18 -5.94 19.18
CA LYS A 128 2.77 -6.01 19.54
C LYS A 128 1.97 -6.83 18.54
N HIS A 129 1.25 -7.85 19.01
CA HIS A 129 0.52 -8.72 18.09
C HIS A 129 -0.64 -9.39 18.79
N SER A 130 -1.59 -9.83 17.99
CA SER A 130 -2.83 -10.45 18.43
C SER A 130 -2.62 -11.94 18.61
N GLU A 131 -3.68 -12.66 18.99
CA GLU A 131 -3.64 -14.09 18.83
C GLU A 131 -4.17 -14.42 17.45
N MET A 132 -4.10 -15.68 17.06
CA MET A 132 -4.62 -16.12 15.78
CA MET A 132 -4.62 -16.10 15.77
C MET A 132 -6.09 -15.72 15.61
N THR A 133 -6.42 -15.15 14.48
CA THR A 133 -7.78 -14.61 14.30
C THR A 133 -8.25 -14.74 12.84
N THR A 134 -9.24 -13.93 12.50
N THR A 134 -9.31 -14.00 12.48
CA THR A 134 -9.83 -13.92 11.19
CA THR A 134 -9.76 -13.94 11.09
C THR A 134 -9.82 -12.44 10.82
C THR A 134 -10.07 -12.50 10.69
N TYR A 135 -9.53 -12.12 9.55
CA TYR A 135 -9.68 -10.75 9.08
C TYR A 135 -10.14 -10.80 7.65
N ALA A 136 -11.27 -10.14 7.34
CA ALA A 136 -11.87 -10.19 6.03
C ALA A 136 -11.96 -11.60 5.44
N ASN A 137 -12.41 -12.53 6.29
CA ASN A 137 -12.64 -13.91 5.88
C ASN A 137 -11.40 -14.75 5.59
N ARG A 138 -10.25 -14.32 6.11
CA ARG A 138 -9.01 -15.07 5.97
C ARG A 138 -8.38 -15.28 7.33
N PRO A 139 -7.71 -16.46 7.56
CA PRO A 139 -6.94 -16.60 8.77
C PRO A 139 -5.90 -15.49 8.87
N ALA A 140 -5.70 -14.95 10.05
CA ALA A 140 -4.94 -13.71 10.21
C ALA A 140 -4.22 -13.58 11.54
N LEU A 141 -3.22 -12.70 11.58
CA LEU A 141 -2.56 -12.30 12.80
C LEU A 141 -2.33 -10.83 12.75
N GLN A 142 -2.99 -10.09 13.64
CA GLN A 142 -2.83 -8.65 13.69
CA GLN A 142 -2.84 -8.65 13.71
C GLN A 142 -1.57 -8.25 14.42
N PHE A 143 -0.93 -7.17 13.98
CA PHE A 143 0.21 -6.65 14.72
C PHE A 143 0.39 -5.13 14.49
N GLU A 144 1.26 -4.49 15.25
CA GLU A 144 1.54 -3.06 15.11
C GLU A 144 3.02 -2.80 15.17
N ASP A 145 3.48 -1.76 14.48
CA ASP A 145 4.82 -1.30 14.71
C ASP A 145 4.87 -0.40 15.93
N ALA A 146 6.06 0.05 16.30
CA ALA A 146 6.24 0.87 17.50
C ALA A 146 5.59 2.25 17.45
N GLU A 147 5.20 2.68 16.24
CA GLU A 147 4.61 4.01 16.00
C GLU A 147 3.08 3.97 15.95
N GLY A 148 2.52 2.79 16.16
CA GLY A 148 1.07 2.64 16.18
C GLY A 148 0.47 2.31 14.83
N LEU A 149 1.31 2.05 13.83
CA LEU A 149 0.76 1.58 12.55
C LEU A 149 0.21 0.18 12.70
N ARG A 150 -1.03 -0.01 12.22
CA ARG A 150 -1.70 -1.28 12.34
C ARG A 150 -1.56 -2.08 11.07
N LEU A 151 -1.07 -3.32 11.22
CA LEU A 151 -0.94 -4.29 10.13
C LEU A 151 -1.57 -5.63 10.44
N VAL A 152 -1.83 -6.42 9.42
CA VAL A 152 -2.39 -7.74 9.65
C VAL A 152 -1.84 -8.73 8.64
N LEU A 153 -1.31 -9.84 9.14
CA LEU A 153 -0.89 -10.91 8.26
C LEU A 153 -2.09 -11.78 7.86
N LEU A 154 -2.16 -12.11 6.59
CA LEU A 154 -3.36 -12.78 6.03
C LEU A 154 -2.94 -13.99 5.21
N VAL A 155 -3.58 -15.13 5.42
CA VAL A 155 -3.19 -16.31 4.69
C VAL A 155 -3.67 -16.31 3.27
N SER A 156 -2.71 -16.50 2.37
CA SER A 156 -2.93 -16.47 0.94
C SER A 156 -3.16 -17.83 0.30
N ASN A 157 -2.72 -18.90 0.98
CA ASN A 157 -2.69 -20.23 0.36
C ASN A 157 -1.71 -20.27 -0.81
N GLY A 158 -0.73 -19.36 -0.77
CA GLY A 158 0.29 -19.29 -1.83
C GLY A 158 -0.09 -18.46 -3.05
N GLU A 159 -1.33 -17.97 -3.11
CA GLU A 159 -1.73 -17.08 -4.19
C GLU A 159 -0.86 -15.83 -4.18
N LYS A 160 -0.56 -15.34 -5.36
CA LYS A 160 0.36 -14.23 -5.51
C LYS A 160 0.15 -13.54 -6.85
N VAL A 161 0.52 -12.27 -6.92
CA VAL A 161 0.65 -11.55 -8.19
C VAL A 161 1.82 -12.21 -8.92
N GLU A 162 1.66 -12.52 -10.19
CA GLU A 162 2.70 -13.26 -10.91
C GLU A 162 4.10 -12.67 -10.76
N HIS A 163 4.21 -11.34 -10.82
CA HIS A 163 5.55 -10.73 -10.80
C HIS A 163 6.25 -10.66 -9.44
N TRP A 164 5.55 -10.96 -8.35
CA TRP A 164 6.18 -10.97 -7.04
C TRP A 164 7.32 -12.00 -6.90
N GLU A 165 8.39 -11.65 -6.21
CA GLU A 165 9.50 -12.56 -5.96
C GLU A 165 10.04 -12.46 -4.56
N THR A 166 10.20 -13.60 -3.89
CA THR A 166 10.79 -13.58 -2.56
C THR A 166 12.27 -13.18 -2.61
N TRP A 167 12.73 -12.68 -1.49
CA TRP A 167 14.02 -12.04 -1.35
C TRP A 167 15.01 -12.99 -0.71
N GLU A 168 16.08 -13.34 -1.46
CA GLU A 168 17.01 -14.39 -1.02
C GLU A 168 17.95 -13.98 0.13
N LYS A 169 18.03 -12.69 0.43
CA LYS A 169 18.87 -12.22 1.52
C LYS A 169 18.08 -11.78 2.74
N SER A 170 16.79 -12.14 2.74
CA SER A 170 15.91 -11.90 3.90
C SER A 170 16.33 -12.70 5.13
N GLU A 171 16.06 -12.18 6.32
CA GLU A 171 16.15 -12.98 7.54
C GLU A 171 15.12 -14.09 7.64
N VAL A 172 14.05 -13.99 6.82
CA VAL A 172 12.89 -14.87 6.89
C VAL A 172 12.95 -15.95 5.82
N PRO A 173 12.63 -17.22 6.19
CA PRO A 173 12.62 -18.28 5.18
C PRO A 173 11.70 -17.94 4.02
N ALA A 174 12.09 -18.27 2.79
CA ALA A 174 11.26 -17.97 1.63
C ALA A 174 9.78 -18.36 1.84
N LYS A 175 9.55 -19.54 2.40
CA LYS A 175 8.19 -20.08 2.42
C LYS A 175 7.27 -19.37 3.41
N HIS A 176 7.83 -18.49 4.25
CA HIS A 176 7.03 -17.72 5.22
C HIS A 176 7.09 -16.21 4.96
N GLN A 177 7.81 -15.81 3.93
CA GLN A 177 8.00 -14.37 3.70
C GLN A 177 6.65 -13.74 3.37
N ILE A 178 6.56 -12.49 3.79
CA ILE A 178 5.48 -11.62 3.32
C ILE A 178 5.52 -11.58 1.80
N GLN A 179 4.38 -11.81 1.16
CA GLN A 179 4.31 -11.86 -0.31
C GLN A 179 4.10 -10.48 -0.92
N GLY A 180 3.17 -9.74 -0.35
CA GLY A 180 2.86 -8.39 -0.81
C GLY A 180 1.55 -8.04 -0.13
N MET A 181 0.91 -6.99 -0.63
CA MET A 181 -0.29 -6.44 0.01
C MET A 181 -1.50 -7.28 -0.25
N GLY A 182 -2.34 -7.38 0.79
CA GLY A 182 -3.71 -7.92 0.64
C GLY A 182 -4.73 -6.84 0.99
N SER A 183 -5.69 -7.15 1.86
CA SER A 183 -6.72 -6.19 2.23
C SER A 183 -6.12 -4.90 2.75
N VAL A 184 -6.65 -3.75 2.31
CA VAL A 184 -6.29 -2.45 2.94
C VAL A 184 -7.59 -1.90 3.52
N GLU A 185 -7.50 -1.43 4.77
CA GLU A 185 -8.70 -0.97 5.51
C GLU A 185 -8.82 0.55 5.44
N LEU A 186 -10.02 0.99 5.07
CA LEU A 186 -10.38 2.44 5.03
C LEU A 186 -11.48 2.64 6.10
N THR A 187 -11.31 3.62 6.96
CA THR A 187 -12.35 3.92 7.99
C THR A 187 -12.94 5.28 7.57
N VAL A 188 -14.26 5.34 7.42
CA VAL A 188 -14.89 6.52 6.87
C VAL A 188 -16.18 6.90 7.61
N ARG A 189 -16.58 8.17 7.48
N ARG A 189 -16.59 8.16 7.45
CA ARG A 189 -17.91 8.61 7.98
CA ARG A 189 -17.89 8.62 7.99
C ARG A 189 -19.05 8.15 7.09
C ARG A 189 -19.08 8.31 7.08
N ARG A 190 -18.81 8.18 5.79
CA ARG A 190 -19.82 7.85 4.76
C ARG A 190 -19.42 6.65 3.93
N LEU A 191 -19.77 5.47 4.43
CA LEU A 191 -19.48 4.22 3.74
C LEU A 191 -20.16 4.14 2.38
N ASP A 192 -21.39 4.67 2.27
CA ASP A 192 -22.08 4.67 0.97
C ASP A 192 -21.34 5.42 -0.12
N LYS A 193 -20.75 6.55 0.26
CA LYS A 193 -20.04 7.38 -0.70
C LYS A 193 -18.76 6.66 -1.14
N MET A 194 -18.08 6.02 -0.21
CA MET A 194 -16.85 5.29 -0.56
C MET A 194 -17.17 4.10 -1.46
N ALA A 195 -18.23 3.37 -1.11
CA ALA A 195 -18.68 2.25 -1.92
C ALA A 195 -18.99 2.67 -3.34
N SER A 196 -19.70 3.79 -3.51
CA SER A 196 -20.04 4.30 -4.83
C SER A 196 -18.79 4.63 -5.64
N THR A 197 -17.80 5.24 -5.01
CA THR A 197 -16.54 5.50 -5.71
C THR A 197 -15.88 4.23 -6.27
N LEU A 198 -15.77 3.23 -5.40
CA LEU A 198 -15.10 2.00 -5.74
C LEU A 198 -15.86 1.23 -6.79
N THR A 199 -17.19 1.13 -6.65
CA THR A 199 -17.92 0.29 -7.60
C THR A 199 -18.32 1.02 -8.86
N GLU A 200 -18.80 2.25 -8.72
CA GLU A 200 -19.30 3.00 -9.89
C GLU A 200 -18.24 3.61 -10.75
N ILE A 201 -17.15 4.08 -10.14
CA ILE A 201 -16.08 4.61 -10.97
C ILE A 201 -15.11 3.50 -11.34
N PHE A 202 -14.58 2.84 -10.34
CA PHE A 202 -13.47 1.92 -10.56
C PHE A 202 -13.82 0.48 -10.90
N GLY A 203 -15.11 0.17 -10.82
CA GLY A 203 -15.58 -1.19 -11.15
C GLY A 203 -15.15 -2.28 -10.20
N TYR A 204 -14.91 -1.95 -8.93
CA TYR A 204 -14.60 -2.94 -7.91
C TYR A 204 -15.85 -3.78 -7.69
N THR A 205 -15.59 -5.02 -7.31
CA THR A 205 -16.67 -5.96 -6.99
C THR A 205 -16.96 -5.88 -5.51
N GLU A 206 -18.25 -5.73 -5.17
CA GLU A 206 -18.67 -5.66 -3.79
C GLU A 206 -18.85 -7.10 -3.32
N VAL A 207 -18.04 -7.50 -2.35
CA VAL A 207 -18.06 -8.86 -1.80
C VAL A 207 -19.18 -8.97 -0.78
N SER A 208 -19.26 -7.98 0.10
CA SER A 208 -20.31 -7.86 1.09
C SER A 208 -20.50 -6.42 1.48
N ARG A 209 -21.64 -6.10 2.10
N ARG A 209 -21.63 -6.12 2.10
CA ARG A 209 -21.90 -4.75 2.60
CA ARG A 209 -21.95 -4.79 2.59
C ARG A 209 -23.02 -4.69 3.58
C ARG A 209 -23.00 -4.85 3.68
N ASN A 210 -22.74 -4.08 4.73
CA ASN A 210 -23.77 -3.67 5.67
C ASN A 210 -23.46 -2.25 6.12
N ASP A 211 -24.20 -1.73 7.09
CA ASP A 211 -24.00 -0.37 7.57
C ASP A 211 -22.67 -0.13 8.29
N GLN A 212 -22.06 -1.20 8.78
N GLN A 212 -22.05 -1.20 8.78
CA GLN A 212 -20.86 -1.13 9.59
CA GLN A 212 -20.84 -1.09 9.59
C GLN A 212 -19.60 -1.36 8.77
C GLN A 212 -19.57 -1.40 8.81
N GLU A 213 -19.69 -2.24 7.78
CA GLU A 213 -18.49 -2.66 7.00
C GLU A 213 -18.84 -3.19 5.65
N ALA A 214 -17.98 -2.94 4.65
CA ALA A 214 -18.23 -3.49 3.34
C ALA A 214 -16.85 -3.92 2.83
N ILE A 215 -16.83 -4.90 1.94
CA ILE A 215 -15.55 -5.43 1.43
C ILE A 215 -15.62 -5.44 -0.07
N PHE A 216 -14.55 -4.95 -0.74
CA PHE A 216 -14.54 -4.80 -2.18
C PHE A 216 -13.26 -5.39 -2.69
N GLN A 217 -13.33 -5.93 -3.89
CA GLN A 217 -12.18 -6.49 -4.57
C GLN A 217 -12.00 -5.87 -5.94
N SER A 218 -10.77 -5.49 -6.27
CA SER A 218 -10.57 -4.88 -7.60
C SER A 218 -10.80 -5.89 -8.69
N ILE A 219 -10.33 -7.12 -8.43
N ILE A 219 -10.38 -7.13 -8.46
CA ILE A 219 -10.59 -8.30 -9.27
CA ILE A 219 -10.74 -8.23 -9.38
C ILE A 219 -11.42 -9.24 -8.39
C ILE A 219 -11.33 -9.36 -8.55
N LYS A 220 -12.57 -9.70 -8.88
CA LYS A 220 -13.36 -10.64 -8.07
C LYS A 220 -12.57 -11.90 -7.71
N GLY A 221 -12.56 -12.20 -6.41
CA GLY A 221 -11.91 -13.40 -5.91
C GLY A 221 -10.46 -13.23 -5.48
N GLU A 222 -9.88 -12.06 -5.76
CA GLU A 222 -8.47 -11.84 -5.47
C GLU A 222 -8.26 -10.88 -4.30
N ALA A 223 -7.23 -11.20 -3.51
CA ALA A 223 -6.87 -10.44 -2.30
C ALA A 223 -6.07 -9.19 -2.66
N PHE A 224 -5.46 -9.20 -3.83
CA PHE A 224 -4.38 -8.26 -4.14
C PHE A 224 -4.84 -6.81 -4.29
N GLY A 225 -6.15 -6.60 -4.39
CA GLY A 225 -6.68 -5.27 -4.54
C GLY A 225 -7.84 -5.06 -3.58
N GLU A 226 -7.91 -5.91 -2.55
CA GLU A 226 -9.06 -5.89 -1.65
C GLU A 226 -9.05 -4.69 -0.73
N ILE A 227 -10.21 -4.06 -0.59
CA ILE A 227 -10.40 -2.91 0.32
C ILE A 227 -11.53 -3.24 1.29
N VAL A 228 -11.26 -3.08 2.57
CA VAL A 228 -12.24 -3.22 3.65
C VAL A 228 -12.63 -1.81 4.06
N VAL A 229 -13.92 -1.49 3.96
CA VAL A 229 -14.41 -0.15 4.28
C VAL A 229 -15.21 -0.25 5.58
N LYS A 230 -14.77 0.48 6.58
CA LYS A 230 -15.43 0.49 7.91
C LYS A 230 -16.07 1.84 8.20
N TYR A 231 -17.31 1.80 8.71
CA TYR A 231 -17.96 3.04 9.14
C TYR A 231 -17.55 3.32 10.58
N LEU A 232 -17.07 4.53 10.81
CA LEU A 232 -16.81 4.99 12.17
C LEU A 232 -17.16 6.46 12.26
N ASP A 233 -17.94 6.80 13.29
CA ASP A 233 -18.33 8.18 13.53
C ASP A 233 -17.30 8.71 14.49
N GLY A 234 -17.50 9.92 15.00
CA GLY A 234 -16.52 10.43 15.96
C GLY A 234 -15.45 11.29 15.31
N PRO A 235 -14.38 11.63 16.04
CA PRO A 235 -13.41 12.54 15.44
C PRO A 235 -12.64 11.92 14.29
N THR A 236 -12.25 12.77 13.39
CA THR A 236 -11.38 12.37 12.28
C THR A 236 -9.98 12.15 12.85
N GLU A 237 -9.30 11.15 12.30
CA GLU A 237 -7.90 10.94 12.69
C GLU A 237 -7.05 12.18 12.49
N LYS A 238 -6.16 12.44 13.45
CA LYS A 238 -5.17 13.50 13.32
C LYS A 238 -3.83 12.81 13.06
N PRO A 239 -3.39 12.79 11.80
CA PRO A 239 -2.24 11.95 11.49
C PRO A 239 -0.91 12.50 11.97
N GLY A 240 -0.07 11.59 12.42
CA GLY A 240 1.34 11.88 12.74
C GLY A 240 2.20 10.67 12.42
N ARG A 241 3.13 10.30 13.31
CA ARG A 241 3.95 9.13 13.07
C ARG A 241 3.04 7.92 13.05
N GLY A 242 3.30 6.98 12.14
CA GLY A 242 2.47 5.77 12.14
C GLY A 242 1.19 5.96 11.34
N SER A 243 1.03 7.12 10.71
CA SER A 243 -0.14 7.36 9.88
C SER A 243 0.11 6.87 8.47
N ILE A 244 -0.99 6.53 7.79
CA ILE A 244 -0.96 6.16 6.39
C ILE A 244 -1.41 7.37 5.57
N HIS A 245 -0.56 7.81 4.64
CA HIS A 245 -0.76 9.04 3.92
C HIS A 245 -1.64 8.83 2.66
N HIS A 246 -1.39 7.74 1.95
CA HIS A 246 -2.21 7.42 0.74
C HIS A 246 -2.06 5.97 0.35
N LEU A 247 -3.04 5.50 -0.43
CA LEU A 247 -3.03 4.18 -1.03
C LEU A 247 -2.98 4.39 -2.53
N ALA A 248 -2.04 3.69 -3.19
CA ALA A 248 -1.94 3.72 -4.66
C ALA A 248 -2.45 2.42 -5.25
N ILE A 249 -3.19 2.54 -6.35
CA ILE A 249 -3.70 1.38 -7.10
C ILE A 249 -3.05 1.33 -8.47
N ARG A 250 -3.01 0.13 -9.04
CA ARG A 250 -2.25 -0.14 -10.26
C ARG A 250 -3.02 0.10 -11.52
N VAL A 251 -2.36 0.76 -12.48
CA VAL A 251 -2.85 0.72 -13.87
C VAL A 251 -1.71 0.27 -14.80
N LYS A 252 -2.06 -0.24 -15.98
N LYS A 252 -2.08 -0.22 -15.98
CA LYS A 252 -1.09 -0.88 -16.86
CA LYS A 252 -1.13 -0.91 -16.87
C LYS A 252 -0.10 0.07 -17.49
C LYS A 252 -0.13 0.02 -17.55
N ASN A 253 -0.56 1.23 -17.89
CA ASN A 253 0.25 2.15 -18.70
C ASN A 253 -0.30 3.55 -18.67
N ASP A 254 0.37 4.46 -19.39
CA ASP A 254 -0.02 5.86 -19.39
C ASP A 254 -1.40 6.09 -20.02
N ALA A 255 -1.79 5.22 -20.96
CA ALA A 255 -3.11 5.38 -21.59
C ALA A 255 -4.22 5.11 -20.59
N GLU A 256 -4.03 4.08 -19.77
CA GLU A 256 -5.03 3.78 -18.74
C GLU A 256 -5.02 4.89 -17.68
N LEU A 257 -3.83 5.41 -17.34
CA LEU A 257 -3.77 6.50 -16.36
C LEU A 257 -4.56 7.72 -16.86
N ALA A 258 -4.38 8.07 -18.14
CA ALA A 258 -5.16 9.20 -18.68
C ALA A 258 -6.67 8.96 -18.68
N TYR A 259 -7.07 7.72 -18.96
CA TYR A 259 -8.46 7.33 -18.89
C TYR A 259 -9.03 7.58 -17.50
N TRP A 260 -8.29 7.14 -16.47
CA TRP A 260 -8.75 7.30 -15.10
C TRP A 260 -8.77 8.75 -14.65
N GLU A 261 -7.80 9.54 -15.13
CA GLU A 261 -7.84 10.96 -14.84
C GLU A 261 -9.13 11.58 -15.32
N GLU A 262 -9.52 11.24 -16.55
CA GLU A 262 -10.81 11.68 -17.07
C GLU A 262 -12.01 11.23 -16.23
N GLN A 263 -12.06 9.95 -15.84
CA GLN A 263 -13.14 9.49 -14.99
C GLN A 263 -13.28 10.19 -13.65
N VAL A 264 -12.14 10.44 -13.02
CA VAL A 264 -12.08 11.13 -11.75
C VAL A 264 -12.61 12.56 -11.86
N LYS A 265 -12.19 13.24 -12.90
CA LYS A 265 -12.63 14.61 -13.16
C LYS A 265 -14.15 14.67 -13.40
N GLN A 266 -14.68 13.70 -14.15
CA GLN A 266 -16.12 13.68 -14.44
C GLN A 266 -16.96 13.52 -13.20
N ARG A 267 -16.40 12.88 -12.16
N ARG A 267 -16.39 12.86 -12.19
CA ARG A 267 -17.14 12.70 -10.92
CA ARG A 267 -17.07 12.68 -10.92
C ARG A 267 -16.89 13.86 -9.91
C ARG A 267 -17.14 14.00 -10.14
N GLY A 268 -16.15 14.87 -10.35
CA GLY A 268 -16.07 16.15 -9.63
C GLY A 268 -14.95 16.15 -8.62
N PHE A 269 -14.18 15.08 -8.61
CA PHE A 269 -12.98 15.09 -7.82
C PHE A 269 -11.91 15.93 -8.52
N HIS A 270 -10.98 16.43 -7.73
N HIS A 270 -11.07 16.56 -7.71
CA HIS A 270 -9.96 17.32 -8.22
CA HIS A 270 -9.94 17.31 -8.20
C HIS A 270 -8.64 16.55 -8.29
C HIS A 270 -8.81 16.31 -8.35
N SER A 271 -8.15 16.34 -9.51
CA SER A 271 -6.97 15.53 -9.74
C SER A 271 -5.74 16.42 -9.57
N SER A 272 -4.65 15.86 -9.04
CA SER A 272 -3.34 16.52 -9.04
C SER A 272 -2.76 16.75 -10.44
N GLY A 273 -3.34 16.09 -11.43
CA GLY A 273 -2.69 16.01 -12.73
C GLY A 273 -1.68 14.87 -12.72
N ILE A 274 -1.35 14.34 -13.90
CA ILE A 274 -0.34 13.29 -14.00
C ILE A 274 1.03 13.85 -13.70
N ILE A 275 1.71 13.23 -12.74
CA ILE A 275 3.07 13.62 -12.35
C ILE A 275 4.03 12.44 -12.59
N ASP A 276 5.17 12.70 -13.22
CA ASP A 276 6.17 11.68 -13.41
C ASP A 276 7.00 11.52 -12.14
N ARG A 277 6.87 10.35 -11.51
CA ARG A 277 7.56 10.03 -10.28
C ARG A 277 8.82 9.22 -10.56
N PHE A 278 9.20 9.18 -11.84
N PHE A 278 9.16 9.07 -11.85
CA PHE A 278 10.37 8.45 -12.35
CA PHE A 278 10.39 8.43 -12.36
C PHE A 278 10.16 6.94 -12.41
C PHE A 278 10.41 6.90 -12.33
N TYR A 279 9.89 6.34 -11.25
CA TYR A 279 9.70 4.90 -11.17
C TYR A 279 8.29 4.51 -11.68
N PHE A 280 7.43 5.51 -11.84
CA PHE A 280 6.09 5.35 -12.42
C PHE A 280 5.51 6.74 -12.65
N LYS A 281 4.41 6.83 -13.41
CA LYS A 281 3.64 8.06 -13.46
C LYS A 281 2.35 7.87 -12.64
N SER A 282 1.88 8.94 -12.04
CA SER A 282 0.69 8.81 -11.21
C SER A 282 -0.11 10.09 -11.12
N LEU A 283 -1.31 9.97 -10.56
CA LEU A 283 -2.09 11.12 -10.20
C LEU A 283 -2.72 10.85 -8.85
N TYR A 284 -2.99 11.91 -8.13
CA TYR A 284 -3.63 11.79 -6.81
C TYR A 284 -4.99 12.47 -6.80
N PHE A 285 -5.91 11.94 -5.99
CA PHE A 285 -7.19 12.62 -5.78
C PHE A 285 -7.70 12.20 -4.42
N ARG A 286 -8.47 13.07 -3.80
CA ARG A 286 -9.14 12.74 -2.52
C ARG A 286 -10.60 12.48 -2.79
N GLU A 287 -11.14 11.44 -2.15
CA GLU A 287 -12.58 11.20 -2.32
C GLU A 287 -13.41 11.94 -1.26
N SER A 288 -14.71 11.65 -1.26
CA SER A 288 -15.66 12.38 -0.42
C SER A 288 -15.28 12.44 1.06
N ASN A 289 -14.71 11.35 1.59
CA ASN A 289 -14.35 11.26 3.00
C ASN A 289 -12.95 11.77 3.26
N GLY A 290 -12.28 12.30 2.24
CA GLY A 290 -10.96 12.86 2.46
C GLY A 290 -9.83 11.84 2.32
N ILE A 291 -10.16 10.59 1.96
CA ILE A 291 -9.12 9.59 1.77
C ILE A 291 -8.31 9.93 0.49
N LEU A 292 -6.98 9.91 0.58
CA LEU A 292 -6.14 10.23 -0.59
C LEU A 292 -5.77 8.97 -1.30
N PHE A 293 -6.18 8.91 -2.56
CA PHE A 293 -5.84 7.81 -3.42
C PHE A 293 -4.82 8.26 -4.46
N GLU A 294 -4.00 7.33 -4.91
CA GLU A 294 -3.10 7.61 -6.03
C GLU A 294 -3.35 6.53 -7.06
N ILE A 295 -3.26 6.91 -8.34
CA ILE A 295 -3.38 5.93 -9.42
C ILE A 295 -2.01 5.90 -10.09
N ALA A 296 -1.35 4.75 -10.11
CA ALA A 296 0.06 4.68 -10.52
C ALA A 296 0.25 3.62 -11.60
N THR A 297 1.07 3.96 -12.60
CA THR A 297 1.45 2.92 -13.56
C THR A 297 2.38 1.84 -13.00
N ASP A 298 2.24 0.62 -13.50
CA ASP A 298 3.09 -0.51 -13.06
C ASP A 298 4.55 -0.27 -13.37
N GLY A 299 4.81 0.34 -14.51
CA GLY A 299 6.19 0.60 -14.89
C GLY A 299 6.58 2.05 -14.88
N PRO A 300 7.90 2.31 -15.06
CA PRO A 300 8.91 1.28 -15.36
C PRO A 300 9.50 0.54 -14.16
N GLY A 301 9.28 1.05 -12.95
CA GLY A 301 9.73 0.35 -11.76
C GLY A 301 11.10 0.76 -11.28
N PHE A 302 11.55 0.15 -10.18
CA PHE A 302 12.80 0.56 -9.51
C PHE A 302 14.07 0.09 -10.21
N THR A 303 13.93 -0.80 -11.19
CA THR A 303 15.10 -1.33 -11.91
C THR A 303 15.42 -0.47 -13.13
N VAL A 304 14.57 0.53 -13.40
CA VAL A 304 14.81 1.52 -14.45
C VAL A 304 16.20 2.19 -14.30
N ASP A 305 16.57 2.58 -13.07
CA ASP A 305 17.79 3.34 -12.81
C ASP A 305 18.86 2.58 -12.00
N GLY A 306 18.80 1.25 -12.05
CA GLY A 306 19.75 0.44 -11.29
C GLY A 306 19.55 -1.05 -11.48
N ASP A 307 20.59 -1.81 -11.17
CA ASP A 307 20.53 -3.26 -11.21
C ASP A 307 19.82 -3.80 -9.97
N VAL A 308 19.09 -4.91 -10.16
CA VAL A 308 18.44 -5.63 -9.05
C VAL A 308 19.44 -5.98 -7.94
N GLU A 309 20.67 -6.34 -8.31
CA GLU A 309 21.66 -6.76 -7.32
C GLU A 309 21.92 -5.75 -6.21
N HIS A 310 21.84 -4.46 -6.54
CA HIS A 310 22.26 -3.42 -5.61
C HIS A 310 21.14 -2.42 -5.20
N LEU A 311 19.89 -2.76 -5.52
CA LEU A 311 18.74 -1.94 -5.11
C LEU A 311 18.81 -1.59 -3.65
N GLY A 312 18.56 -0.32 -3.34
CA GLY A 312 18.38 0.13 -1.97
C GLY A 312 19.62 0.37 -1.13
N GLU A 313 20.79 0.09 -1.69
CA GLU A 313 22.04 0.15 -0.94
C GLU A 313 22.62 1.54 -0.76
N LYS A 314 22.44 2.41 -1.75
CA LYS A 314 22.89 3.79 -1.61
C LYS A 314 21.76 4.77 -1.85
N LEU A 315 22.06 6.05 -1.69
CA LEU A 315 21.06 7.10 -1.81
C LEU A 315 20.81 7.40 -3.26
N ASP A 316 19.63 6.98 -3.74
CA ASP A 316 19.24 7.16 -5.12
C ASP A 316 18.43 8.42 -5.29
N LEU A 317 18.66 9.11 -6.39
CA LEU A 317 17.94 10.35 -6.67
C LEU A 317 17.40 10.32 -8.07
N PRO A 318 16.24 10.97 -8.28
CA PRO A 318 15.69 11.14 -9.61
C PRO A 318 16.68 12.08 -10.34
N PRO A 319 16.81 11.94 -11.67
CA PRO A 319 17.82 12.73 -12.40
C PRO A 319 17.82 14.22 -12.09
N PHE A 320 16.63 14.83 -11.95
CA PHE A 320 16.52 16.27 -11.73
C PHE A 320 17.13 16.79 -10.44
N LEU A 321 17.49 15.87 -9.53
CA LEU A 321 18.03 16.24 -8.23
C LEU A 321 19.53 15.98 -8.08
N GLU A 322 20.14 15.27 -9.03
CA GLU A 322 21.59 15.02 -8.99
C GLU A 322 22.40 16.32 -8.94
N ASP A 323 21.83 17.41 -9.45
CA ASP A 323 22.48 18.72 -9.40
C ASP A 323 22.67 19.19 -7.97
N GLN A 324 21.82 18.67 -7.09
CA GLN A 324 21.78 19.05 -5.68
C GLN A 324 22.25 17.93 -4.76
N ARG A 325 22.86 16.89 -5.31
CA ARG A 325 23.27 15.74 -4.49
C ARG A 325 24.13 16.17 -3.31
N ALA A 326 25.13 17.01 -3.57
CA ALA A 326 26.05 17.47 -2.52
C ALA A 326 25.31 18.13 -1.37
N GLU A 327 24.36 19.01 -1.71
CA GLU A 327 23.51 19.67 -0.72
C GLU A 327 22.62 18.67 -0.01
N ILE A 328 21.92 17.83 -0.79
CA ILE A 328 20.99 16.84 -0.25
C ILE A 328 21.71 15.89 0.71
N GLU A 329 22.83 15.34 0.27
CA GLU A 329 23.61 14.40 1.08
C GLU A 329 24.10 15.02 2.38
N ALA A 330 24.56 16.27 2.30
CA ALA A 330 25.06 17.00 3.46
C ALA A 330 24.01 17.18 4.55
N ASN A 331 22.74 17.30 4.16
CA ASN A 331 21.65 17.51 5.12
C ASN A 331 21.02 16.21 5.67
N LEU A 332 21.51 15.06 5.24
CA LEU A 332 20.95 13.78 5.70
C LEU A 332 21.89 12.99 6.59
N ALA A 333 21.36 12.46 7.69
CA ALA A 333 22.11 11.54 8.55
C ALA A 333 22.04 10.15 7.95
N PRO A 334 23.17 9.42 7.98
CA PRO A 334 23.15 8.06 7.44
C PRO A 334 22.17 7.16 8.21
N ILE A 335 21.59 6.18 7.55
CA ILE A 335 20.71 5.26 8.24
C ILE A 335 21.56 4.17 8.88
N GLU A 336 21.48 4.09 10.20
CA GLU A 336 22.32 3.19 10.97
C GLU A 336 21.68 1.82 11.13
N GLU A 337 22.41 0.77 10.75
CA GLU A 337 21.97 -0.60 10.90
C GLU A 337 22.17 -1.06 12.33
N LYS A 338 21.07 -1.45 12.99
CA LYS A 338 21.13 -1.91 14.38
C LYS A 338 20.91 -3.42 14.50
#